data_1DMH
#
_entry.id   1DMH
#
_cell.length_a   52.800
_cell.length_b   88.000
_cell.length_c   84.400
_cell.angle_alpha   90.00
_cell.angle_beta   96.30
_cell.angle_gamma   90.00
#
_symmetry.space_group_name_H-M   'P 1 21 1'
#
loop_
_entity.id
_entity.type
_entity.pdbx_description
1 polymer 'CATECHOL 1,2-DIOXYGENASE'
2 non-polymer 'FE (III) ION'
3 non-polymer 4-METHYLCATECHOL
4 non-polymer '[1-PENTADECANOYL-2-DECANOYL-GLYCEROL-3-YL]PHOSPHONYL CHOLINE'
5 water water
#
_entity_poly.entity_id   1
_entity_poly.type   'polypeptide(L)'
_entity_poly.pdbx_seq_one_letter_code
;MEVKIFNTQDVQDFLRVASGLEQEGGNPRVKQIIHRVLSDLYKAIEDLNITSDEYWAGVAYLNQLGANQEAGLLSPGLGF
DHYLDMRMDAEDAALGIENATPRTIEGPLYVAGAPESVGYARMDDGSDPNGHTLILHGTIFDADGKPLPNAKVEIWHANT
KGFYSHFDPTGEQQAFNMRRSIITDENGQYRVRTILPAGYGCPPEGPTQQLLNQLGRHGNRPAHIHYFVSADGHRKLTTQ
INVAGDPYTYDDFAYATREGLVVDAVEHTDPEAIKANDVEGPFAEMVFDLKLTRLVDGVDNQVVDRPRLAV
;
_entity_poly.pdbx_strand_id   A,B
#
# COMPACT_ATOMS: atom_id res chain seq x y z
N VAL A 3 10.71 -24.59 -6.86
CA VAL A 3 11.86 -23.66 -7.04
C VAL A 3 12.39 -23.10 -5.73
N LYS A 4 13.67 -23.30 -5.48
CA LYS A 4 14.27 -22.80 -4.25
C LYS A 4 15.53 -22.07 -4.59
N ILE A 5 15.45 -20.74 -4.61
CA ILE A 5 16.61 -19.93 -4.92
C ILE A 5 16.81 -18.86 -3.87
N PHE A 6 15.89 -18.75 -2.93
CA PHE A 6 16.03 -17.74 -1.90
C PHE A 6 17.38 -17.82 -1.17
N ASN A 7 17.80 -19.04 -0.88
CA ASN A 7 19.04 -19.20 -0.15
C ASN A 7 20.34 -19.09 -0.94
N THR A 8 20.27 -18.81 -2.24
CA THR A 8 21.49 -18.71 -3.01
C THR A 8 22.16 -17.36 -2.81
N GLN A 9 23.46 -17.31 -3.09
CA GLN A 9 24.19 -16.07 -2.93
C GLN A 9 23.67 -14.98 -3.86
N ASP A 10 23.20 -15.37 -5.04
CA ASP A 10 22.68 -14.37 -5.97
C ASP A 10 21.47 -13.63 -5.38
N VAL A 11 20.53 -14.35 -4.76
CA VAL A 11 19.38 -13.70 -4.16
C VAL A 11 19.75 -12.93 -2.88
N GLN A 12 20.59 -13.53 -2.03
CA GLN A 12 20.99 -12.84 -0.82
C GLN A 12 21.73 -11.52 -1.10
N ASP A 13 22.65 -11.52 -2.07
CA ASP A 13 23.38 -10.29 -2.40
C ASP A 13 22.44 -9.27 -3.02
N PHE A 14 21.54 -9.76 -3.86
CA PHE A 14 20.56 -8.90 -4.51
C PHE A 14 19.75 -8.14 -3.44
N LEU A 15 19.31 -8.86 -2.41
CA LEU A 15 18.54 -8.22 -1.34
C LEU A 15 19.33 -7.10 -0.66
N ARG A 16 20.65 -7.26 -0.56
CA ARG A 16 21.44 -6.23 0.08
C ARG A 16 21.54 -5.02 -0.84
N VAL A 17 21.69 -5.27 -2.14
CA VAL A 17 21.76 -4.18 -3.11
C VAL A 17 20.46 -3.36 -3.16
N ALA A 18 19.34 -4.07 -3.29
CA ALA A 18 18.03 -3.43 -3.35
C ALA A 18 17.73 -2.59 -2.10
N SER A 19 18.22 -3.03 -0.95
CA SER A 19 17.99 -2.32 0.30
C SER A 19 18.98 -1.15 0.51
N GLY A 20 19.88 -0.95 -0.44
CA GLY A 20 20.86 0.13 -0.36
C GLY A 20 21.90 -0.07 0.74
N LEU A 21 21.99 -1.29 1.25
CA LEU A 21 22.92 -1.61 2.31
C LEU A 21 24.34 -1.28 1.90
N GLU A 22 24.65 -1.41 0.61
CA GLU A 22 25.99 -1.13 0.13
C GLU A 22 26.11 0.37 -0.31
N GLN A 23 25.05 1.15 -0.17
CA GLN A 23 25.10 2.57 -0.54
C GLN A 23 25.56 3.40 0.63
N GLU A 24 26.21 4.51 0.33
CA GLU A 24 26.73 5.35 1.38
C GLU A 24 25.73 6.35 1.91
N GLY A 25 24.84 6.82 1.06
CA GLY A 25 23.85 7.78 1.50
C GLY A 25 22.62 7.08 2.05
N GLY A 26 21.62 7.87 2.41
CA GLY A 26 20.41 7.26 2.97
C GLY A 26 20.33 7.19 4.49
N ASN A 27 19.23 6.62 4.96
CA ASN A 27 18.94 6.48 6.38
C ASN A 27 19.11 5.02 6.78
N PRO A 28 20.15 4.72 7.57
CA PRO A 28 20.45 3.37 8.05
C PRO A 28 19.29 2.64 8.69
N ARG A 29 18.45 3.38 9.41
CA ARG A 29 17.30 2.77 10.05
C ARG A 29 16.30 2.29 8.99
N VAL A 30 16.04 3.14 8.01
CA VAL A 30 15.12 2.75 6.97
C VAL A 30 15.70 1.54 6.21
N LYS A 31 17.00 1.57 5.91
CA LYS A 31 17.61 0.46 5.19
C LYS A 31 17.50 -0.86 5.98
N GLN A 32 17.66 -0.74 7.30
CA GLN A 32 17.57 -1.91 8.17
C GLN A 32 16.18 -2.53 8.10
N ILE A 33 15.16 -1.69 8.16
CA ILE A 33 13.78 -2.17 8.11
C ILE A 33 13.46 -2.75 6.72
N ILE A 34 13.80 -2.00 5.68
CA ILE A 34 13.54 -2.46 4.30
C ILE A 34 14.23 -3.79 4.02
N HIS A 35 15.49 -3.93 4.40
CA HIS A 35 16.17 -5.19 4.17
C HIS A 35 15.42 -6.36 4.82
N ARG A 36 14.97 -6.19 6.05
CA ARG A 36 14.24 -7.27 6.72
C ARG A 36 12.90 -7.56 6.07
N VAL A 37 12.11 -6.53 5.78
CA VAL A 37 10.82 -6.74 5.17
C VAL A 37 10.95 -7.40 3.77
N LEU A 38 11.91 -6.95 2.96
CA LEU A 38 12.10 -7.57 1.63
C LEU A 38 12.53 -9.03 1.74
N SER A 39 13.44 -9.30 2.65
CA SER A 39 13.92 -10.65 2.85
C SER A 39 12.76 -11.55 3.21
N ASP A 40 11.98 -11.13 4.19
CA ASP A 40 10.83 -11.95 4.59
C ASP A 40 9.84 -12.17 3.44
N LEU A 41 9.55 -11.12 2.66
CA LEU A 41 8.61 -11.27 1.55
C LEU A 41 9.15 -12.15 0.44
N TYR A 42 10.43 -11.99 0.10
CA TYR A 42 11.03 -12.83 -0.94
C TYR A 42 10.96 -14.28 -0.47
N LYS A 43 11.22 -14.51 0.80
CA LYS A 43 11.16 -15.87 1.31
C LYS A 43 9.70 -16.36 1.32
N ALA A 44 8.74 -15.51 1.68
CA ALA A 44 7.33 -15.92 1.70
C ALA A 44 6.85 -16.28 0.28
N ILE A 45 7.29 -15.53 -0.71
CA ILE A 45 6.94 -15.83 -2.11
C ILE A 45 7.46 -17.24 -2.45
N GLU A 46 8.67 -17.58 -1.98
CA GLU A 46 9.19 -18.90 -2.27
C GLU A 46 8.46 -19.99 -1.49
N ASP A 47 8.34 -19.85 -0.16
CA ASP A 47 7.66 -20.87 0.64
C ASP A 47 6.23 -21.15 0.22
N LEU A 48 5.47 -20.09 -0.08
CA LEU A 48 4.08 -20.25 -0.45
C LEU A 48 3.87 -20.40 -1.94
N ASN A 49 4.96 -20.39 -2.69
CA ASN A 49 4.91 -20.52 -4.15
C ASN A 49 3.91 -19.53 -4.74
N ILE A 50 4.07 -18.26 -4.37
CA ILE A 50 3.19 -17.21 -4.84
C ILE A 50 3.56 -17.00 -6.31
N THR A 51 2.56 -17.07 -7.18
CA THR A 51 2.78 -16.92 -8.62
C THR A 51 2.80 -15.44 -9.01
N SER A 52 3.25 -15.14 -10.23
CA SER A 52 3.26 -13.74 -10.66
C SER A 52 1.85 -13.21 -10.72
N ASP A 53 0.89 -14.06 -11.09
CA ASP A 53 -0.50 -13.60 -11.15
C ASP A 53 -0.94 -13.18 -9.75
N GLU A 54 -0.64 -14.00 -8.75
CA GLU A 54 -1.05 -13.64 -7.38
C GLU A 54 -0.33 -12.37 -6.95
N TYR A 55 0.97 -12.33 -7.19
CA TYR A 55 1.75 -11.17 -6.80
C TYR A 55 1.17 -9.84 -7.33
N TRP A 56 0.89 -9.77 -8.63
CA TRP A 56 0.35 -8.54 -9.20
C TRP A 56 -1.06 -8.16 -8.73
N ALA A 57 -1.85 -9.14 -8.32
CA ALA A 57 -3.17 -8.84 -7.74
C ALA A 57 -2.89 -8.12 -6.39
N GLY A 58 -1.83 -8.55 -5.70
CA GLY A 58 -1.43 -7.93 -4.44
C GLY A 58 -0.95 -6.51 -4.66
N VAL A 59 -0.19 -6.28 -5.73
CA VAL A 59 0.29 -4.94 -6.04
C VAL A 59 -0.87 -4.01 -6.38
N ALA A 60 -1.81 -4.52 -7.19
CA ALA A 60 -3.00 -3.76 -7.59
C ALA A 60 -3.80 -3.38 -6.34
N TYR A 61 -3.96 -4.32 -5.42
CA TYR A 61 -4.69 -4.08 -4.19
C TYR A 61 -4.06 -2.93 -3.43
N LEU A 62 -2.74 -2.88 -3.39
CA LEU A 62 -2.02 -1.82 -2.69
C LEU A 62 -2.31 -0.45 -3.29
N ASN A 63 -2.39 -0.36 -4.61
CA ASN A 63 -2.73 0.94 -5.21
C ASN A 63 -4.15 1.33 -4.80
N GLN A 64 -5.06 0.37 -4.86
CA GLN A 64 -6.45 0.60 -4.53
C GLN A 64 -6.63 1.00 -3.06
N LEU A 65 -5.83 0.40 -2.19
CA LEU A 65 -5.90 0.70 -0.76
C LEU A 65 -5.54 2.17 -0.51
N GLY A 66 -4.43 2.59 -1.11
CA GLY A 66 -3.98 3.96 -0.95
C GLY A 66 -4.84 4.97 -1.69
N ALA A 67 -5.33 4.57 -2.87
CA ALA A 67 -6.18 5.45 -3.64
C ALA A 67 -7.44 5.79 -2.84
N ASN A 68 -7.90 4.87 -2.00
CA ASN A 68 -9.09 5.10 -1.20
C ASN A 68 -8.75 5.58 0.21
N GLN A 69 -7.49 5.90 0.44
CA GLN A 69 -7.05 6.36 1.73
C GLN A 69 -7.51 5.43 2.84
N GLU A 70 -7.43 4.12 2.63
CA GLU A 70 -7.86 3.19 3.66
C GLU A 70 -6.78 2.40 4.37
N ALA A 71 -5.52 2.76 4.22
CA ALA A 71 -4.47 2.00 4.91
C ALA A 71 -4.65 2.04 6.44
N GLY A 72 -5.20 3.16 6.96
CA GLY A 72 -5.42 3.30 8.40
C GLY A 72 -6.69 2.62 8.89
N LEU A 73 -7.45 2.07 7.94
CA LEU A 73 -8.68 1.35 8.26
C LEU A 73 -8.33 -0.15 8.19
N LEU A 74 -7.50 -0.51 7.22
CA LEU A 74 -7.05 -1.91 7.08
C LEU A 74 -6.12 -2.29 8.26
N SER A 75 -5.26 -1.35 8.66
CA SER A 75 -4.32 -1.59 9.75
C SER A 75 -5.04 -2.17 10.97
N PRO A 76 -6.02 -1.46 11.54
CA PRO A 76 -6.68 -2.06 12.70
C PRO A 76 -7.42 -3.37 12.39
N GLY A 77 -7.92 -3.50 11.16
CA GLY A 77 -8.64 -4.72 10.77
C GLY A 77 -7.75 -5.94 10.75
N LEU A 78 -6.47 -5.75 10.46
CA LEU A 78 -5.53 -6.86 10.45
C LEU A 78 -4.81 -7.00 11.80
N GLY A 79 -5.36 -6.30 12.79
CA GLY A 79 -4.86 -6.39 14.17
C GLY A 79 -3.64 -5.59 14.62
N PHE A 80 -2.99 -4.87 13.70
CA PHE A 80 -1.81 -4.10 14.06
C PHE A 80 -2.02 -3.11 15.19
N ASP A 81 -3.08 -2.31 15.09
CA ASP A 81 -3.32 -1.30 16.12
C ASP A 81 -3.44 -1.95 17.50
N HIS A 82 -4.19 -3.04 17.60
CA HIS A 82 -4.36 -3.72 18.87
C HIS A 82 -3.05 -4.37 19.30
N TYR A 83 -2.29 -4.91 18.33
CA TYR A 83 -0.99 -5.52 18.63
C TYR A 83 -0.04 -4.52 19.27
N LEU A 84 -0.01 -3.29 18.74
CA LEU A 84 0.84 -2.23 19.27
C LEU A 84 0.41 -1.90 20.70
N ASP A 85 -0.90 -1.95 20.99
CA ASP A 85 -1.35 -1.71 22.35
C ASP A 85 -0.91 -2.85 23.25
N MET A 86 -0.93 -4.08 22.73
CA MET A 86 -0.50 -5.21 23.54
C MET A 86 0.96 -5.01 23.94
N ARG A 87 1.76 -4.48 23.02
CA ARG A 87 3.16 -4.25 23.31
C ARG A 87 3.26 -3.18 24.40
N MET A 88 2.47 -2.11 24.26
CA MET A 88 2.49 -1.06 25.27
C MET A 88 2.08 -1.58 26.65
N ASP A 89 1.06 -2.45 26.68
CA ASP A 89 0.65 -3.04 27.95
C ASP A 89 1.75 -3.89 28.57
N ALA A 90 2.40 -4.68 27.74
CA ALA A 90 3.49 -5.54 28.20
C ALA A 90 4.60 -4.67 28.80
N GLU A 91 4.95 -3.59 28.11
CA GLU A 91 5.99 -2.68 28.56
C GLU A 91 5.61 -2.04 29.90
N ASP A 92 4.36 -1.62 30.03
CA ASP A 92 3.91 -1.04 31.30
C ASP A 92 3.94 -2.08 32.42
N ALA A 93 3.51 -3.30 32.12
CA ALA A 93 3.49 -4.39 33.10
C ALA A 93 4.91 -4.61 33.62
N ALA A 94 5.88 -4.56 32.72
CA ALA A 94 7.27 -4.76 33.12
C ALA A 94 7.77 -3.62 34.03
N LEU A 95 7.21 -2.42 33.86
CA LEU A 95 7.60 -1.26 34.66
C LEU A 95 6.78 -1.15 35.93
N GLY A 96 5.93 -2.14 36.17
CA GLY A 96 5.11 -2.13 37.36
C GLY A 96 4.02 -1.06 37.32
N ILE A 97 3.76 -0.52 36.13
CA ILE A 97 2.73 0.50 35.98
C ILE A 97 1.38 -0.19 35.86
N GLU A 98 0.56 -0.06 36.89
CA GLU A 98 -0.76 -0.66 36.88
C GLU A 98 -1.68 0.34 36.15
N ASN A 99 -2.16 -0.02 34.95
CA ASN A 99 -3.06 0.86 34.17
C ASN A 99 -4.53 0.72 34.62
N ALA A 100 -4.98 1.63 35.50
CA ALA A 100 -6.34 1.59 36.02
C ALA A 100 -7.34 1.60 34.86
N THR A 101 -7.30 2.61 34.00
CA THR A 101 -8.21 2.63 32.86
C THR A 101 -7.39 2.08 31.70
N PRO A 102 -7.81 0.94 31.11
CA PRO A 102 -7.16 0.25 30.00
C PRO A 102 -7.06 1.11 28.76
N ARG A 103 -5.93 1.05 28.07
CA ARG A 103 -5.77 1.80 26.82
C ARG A 103 -6.42 0.97 25.72
N THR A 104 -6.79 1.59 24.62
CA THR A 104 -7.23 0.82 23.46
C THR A 104 -6.97 1.67 22.23
N ILE A 105 -7.28 1.18 21.04
CA ILE A 105 -6.88 1.94 19.86
C ILE A 105 -7.52 3.30 19.61
N GLU A 106 -6.73 4.17 19.01
CA GLU A 106 -7.16 5.50 18.68
C GLU A 106 -8.09 5.46 17.49
N GLY A 107 -7.79 4.63 16.50
CA GLY A 107 -8.62 4.61 15.31
C GLY A 107 -8.10 5.73 14.41
N PRO A 108 -8.48 5.76 13.14
CA PRO A 108 -7.99 6.80 12.22
C PRO A 108 -8.81 8.09 12.05
N LEU A 109 -9.81 8.30 12.91
CA LEU A 109 -10.71 9.44 12.74
C LEU A 109 -10.64 10.61 13.69
N TYR A 110 -9.54 10.75 14.42
CA TYR A 110 -9.37 11.88 15.31
C TYR A 110 -9.14 13.12 14.42
N VAL A 111 -9.63 14.27 14.87
CA VAL A 111 -9.44 15.53 14.13
C VAL A 111 -9.01 16.55 15.18
N ALA A 112 -7.90 17.23 14.92
CA ALA A 112 -7.40 18.22 15.88
C ALA A 112 -8.08 19.58 15.72
N GLY A 113 -8.24 20.29 16.85
CA GLY A 113 -8.83 21.62 16.85
C GLY A 113 -10.29 21.81 17.23
N ALA A 114 -10.86 20.86 17.97
CA ALA A 114 -12.26 20.97 18.35
C ALA A 114 -12.51 22.07 19.36
N PRO A 115 -13.71 22.66 19.37
CA PRO A 115 -13.95 23.71 20.36
C PRO A 115 -13.69 23.16 21.76
N GLU A 116 -13.26 24.05 22.65
CA GLU A 116 -12.94 23.67 24.02
C GLU A 116 -13.76 24.46 25.06
N SER A 117 -14.10 23.84 26.18
CA SER A 117 -14.86 24.52 27.22
C SER A 117 -14.61 23.86 28.55
N VAL A 118 -14.96 24.53 29.64
CA VAL A 118 -14.74 23.96 30.95
C VAL A 118 -15.96 23.25 31.49
N GLY A 119 -15.72 22.03 31.99
CA GLY A 119 -16.74 21.20 32.61
C GLY A 119 -17.93 20.67 31.84
N TYR A 120 -18.40 21.40 30.83
CA TYR A 120 -19.60 21.02 30.08
C TYR A 120 -19.65 21.54 28.64
N ALA A 121 -20.32 20.79 27.78
CA ALA A 121 -20.53 21.19 26.40
C ALA A 121 -21.54 20.27 25.79
N ARG A 122 -22.28 20.78 24.82
CA ARG A 122 -23.19 19.93 24.08
C ARG A 122 -22.33 19.64 22.84
N MET A 123 -22.24 18.38 22.44
CA MET A 123 -21.38 18.01 21.31
C MET A 123 -22.00 17.96 19.93
N ASP A 124 -23.30 17.75 19.87
CA ASP A 124 -23.95 17.61 18.57
C ASP A 124 -24.76 18.85 18.20
N ASP A 125 -25.02 18.98 16.90
CA ASP A 125 -25.78 20.11 16.38
C ASP A 125 -27.24 19.76 16.13
N GLY A 126 -27.70 18.65 16.70
CA GLY A 126 -29.08 18.24 16.52
C GLY A 126 -29.48 17.97 15.07
N SER A 127 -28.50 17.78 14.20
CA SER A 127 -28.78 17.52 12.79
C SER A 127 -29.16 16.06 12.52
N ASP A 128 -29.02 15.19 13.50
CA ASP A 128 -29.36 13.79 13.27
C ASP A 128 -30.83 13.57 13.63
N PRO A 129 -31.67 13.29 12.61
CA PRO A 129 -33.10 13.06 12.79
C PRO A 129 -33.40 11.97 13.78
N ASN A 130 -32.57 10.93 13.80
CA ASN A 130 -32.82 9.82 14.72
C ASN A 130 -31.95 9.82 15.95
N GLY A 131 -31.26 10.93 16.20
CA GLY A 131 -30.40 10.97 17.35
C GLY A 131 -31.19 10.81 18.64
N HIS A 132 -30.64 10.06 19.58
CA HIS A 132 -31.26 9.87 20.88
C HIS A 132 -30.33 10.57 21.87
N THR A 133 -30.89 11.51 22.64
CA THR A 133 -30.09 12.28 23.60
C THR A 133 -29.30 11.42 24.56
N LEU A 134 -28.03 11.77 24.75
CA LEU A 134 -27.14 11.04 25.65
C LEU A 134 -26.44 12.06 26.55
N ILE A 135 -26.49 11.83 27.86
CA ILE A 135 -25.80 12.70 28.84
C ILE A 135 -24.63 11.79 29.27
N LEU A 136 -23.40 12.20 28.97
CA LEU A 136 -22.24 11.37 29.33
C LEU A 136 -21.41 12.19 30.31
N HIS A 137 -21.09 11.60 31.44
CA HIS A 137 -20.32 12.34 32.42
C HIS A 137 -19.45 11.42 33.26
N GLY A 138 -18.50 12.01 33.95
CA GLY A 138 -17.62 11.22 34.79
C GLY A 138 -16.62 12.09 35.48
N THR A 139 -15.69 11.46 36.18
CA THR A 139 -14.67 12.17 36.91
C THR A 139 -13.32 11.68 36.41
N ILE A 140 -12.33 12.57 36.37
CA ILE A 140 -10.99 12.16 35.97
C ILE A 140 -10.16 12.09 37.26
N PHE A 141 -9.50 10.96 37.49
CA PHE A 141 -8.66 10.79 38.67
C PHE A 141 -7.17 10.76 38.35
N ASP A 142 -6.35 11.41 39.19
CA ASP A 142 -4.90 11.41 38.97
C ASP A 142 -4.33 10.06 39.40
N ALA A 143 -3.02 9.92 39.27
CA ALA A 143 -2.40 8.66 39.62
C ALA A 143 -2.61 8.25 41.08
N ASP A 144 -3.00 9.19 41.94
CA ASP A 144 -3.21 8.86 43.36
C ASP A 144 -4.66 8.51 43.70
N GLY A 145 -5.56 8.63 42.74
CA GLY A 145 -6.95 8.33 43.02
C GLY A 145 -7.72 9.56 43.45
N LYS A 146 -7.16 10.73 43.17
CA LYS A 146 -7.78 12.00 43.54
C LYS A 146 -8.33 12.70 42.30
N PRO A 147 -9.54 13.31 42.42
CA PRO A 147 -10.18 14.01 41.30
C PRO A 147 -9.21 15.03 40.74
N LEU A 148 -9.12 15.09 39.41
CA LEU A 148 -8.18 15.98 38.76
C LEU A 148 -8.78 17.13 37.96
N PRO A 149 -8.85 18.33 38.56
CA PRO A 149 -9.39 19.46 37.78
C PRO A 149 -8.37 19.86 36.72
N ASN A 150 -8.84 20.52 35.67
CA ASN A 150 -7.96 20.97 34.61
C ASN A 150 -7.39 19.93 33.67
N ALA A 151 -7.88 18.70 33.75
CA ALA A 151 -7.43 17.65 32.83
C ALA A 151 -8.17 17.93 31.53
N LYS A 152 -7.57 17.61 30.39
CA LYS A 152 -8.27 17.87 29.11
C LYS A 152 -8.82 16.56 28.58
N VAL A 153 -10.15 16.48 28.50
CA VAL A 153 -10.82 15.30 28.03
C VAL A 153 -11.29 15.56 26.60
N GLU A 154 -10.78 14.78 25.65
CA GLU A 154 -11.20 14.93 24.26
C GLU A 154 -12.08 13.75 23.86
N ILE A 155 -13.27 14.05 23.35
CA ILE A 155 -14.25 13.05 22.97
C ILE A 155 -14.70 13.22 21.53
N TRP A 156 -14.83 12.11 20.81
CA TRP A 156 -15.32 12.20 19.44
C TRP A 156 -16.04 10.90 19.18
N HIS A 157 -17.11 10.95 18.39
CA HIS A 157 -17.89 9.75 18.10
C HIS A 157 -18.75 9.93 16.85
N ALA A 158 -19.39 8.84 16.42
CA ALA A 158 -20.23 8.86 15.22
C ALA A 158 -21.70 9.19 15.50
N ASN A 159 -22.46 9.45 14.43
CA ASN A 159 -23.88 9.74 14.59
C ASN A 159 -24.62 8.42 14.47
N THR A 160 -25.95 8.46 14.33
CA THR A 160 -26.75 7.23 14.25
C THR A 160 -26.57 6.44 12.97
N LYS A 161 -25.87 7.02 11.99
CA LYS A 161 -25.61 6.34 10.73
C LYS A 161 -24.19 5.78 10.70
N GLY A 162 -23.45 5.98 11.80
CA GLY A 162 -22.08 5.51 11.87
C GLY A 162 -21.06 6.42 11.21
N PHE A 163 -21.43 7.65 10.92
CA PHE A 163 -20.51 8.60 10.29
C PHE A 163 -19.99 9.66 11.25
N TYR A 164 -18.74 10.05 11.05
CA TYR A 164 -18.05 11.06 11.83
C TYR A 164 -17.94 12.34 11.02
N SER A 165 -17.91 13.48 11.72
CA SER A 165 -17.74 14.75 11.03
C SER A 165 -16.34 14.71 10.42
N HIS A 166 -16.19 15.37 9.27
CA HIS A 166 -14.93 15.44 8.52
C HIS A 166 -14.63 14.15 7.74
N PHE A 167 -15.43 13.11 7.95
CA PHE A 167 -15.25 11.85 7.22
C PHE A 167 -16.62 11.29 6.84
N ASP A 168 -17.61 12.18 6.74
CA ASP A 168 -18.97 11.79 6.39
C ASP A 168 -19.10 11.70 4.88
N PRO A 169 -19.28 10.47 4.36
CA PRO A 169 -19.43 10.20 2.93
C PRO A 169 -20.66 10.81 2.29
N THR A 170 -21.64 11.18 3.09
CA THR A 170 -22.88 11.72 2.55
C THR A 170 -22.99 13.24 2.51
N GLY A 171 -21.88 13.94 2.69
CA GLY A 171 -21.95 15.40 2.65
C GLY A 171 -21.76 15.99 4.03
N GLU A 172 -20.94 16.98 4.19
CA GLU A 172 -20.43 17.55 5.43
C GLU A 172 -21.55 17.86 6.41
N GLN A 173 -21.07 17.59 7.69
CA GLN A 173 -21.78 17.84 8.91
C GLN A 173 -21.12 19.14 9.31
N GLN A 174 -21.66 19.78 10.33
CA GLN A 174 -21.06 21.01 10.79
C GLN A 174 -19.66 20.59 11.21
N ALA A 175 -18.69 21.47 11.00
CA ALA A 175 -17.31 21.15 11.37
C ALA A 175 -17.33 20.80 12.85
N PHE A 176 -16.52 19.83 13.24
CA PHE A 176 -16.40 19.37 14.63
C PHE A 176 -17.70 18.88 15.30
N ASN A 177 -18.70 18.51 14.50
CA ASN A 177 -19.94 17.99 15.04
C ASN A 177 -19.53 16.71 15.80
N MET A 178 -20.01 16.57 17.04
CA MET A 178 -19.74 15.44 17.93
C MET A 178 -18.25 15.27 18.27
N ARG A 179 -17.54 16.39 18.35
CA ARG A 179 -16.12 16.41 18.69
C ARG A 179 -15.89 17.62 19.62
N ARG A 180 -15.46 17.38 20.86
CA ARG A 180 -15.21 18.48 21.79
C ARG A 180 -14.05 18.19 22.73
N SER A 181 -13.49 19.26 23.30
CA SER A 181 -12.44 19.14 24.30
C SER A 181 -13.05 19.73 25.55
N ILE A 182 -12.97 19.01 26.65
CA ILE A 182 -13.53 19.51 27.89
C ILE A 182 -12.48 19.55 28.98
N ILE A 183 -12.34 20.71 29.60
CA ILE A 183 -11.38 20.88 30.69
C ILE A 183 -12.16 20.51 31.92
N THR A 184 -11.64 19.57 32.70
CA THR A 184 -12.36 19.19 33.89
C THR A 184 -12.49 20.38 34.86
N ASP A 185 -13.60 20.41 35.59
CA ASP A 185 -13.90 21.47 36.54
C ASP A 185 -13.25 21.23 37.92
N GLU A 186 -13.59 22.09 38.89
CA GLU A 186 -13.07 22.05 40.26
C GLU A 186 -13.15 20.70 40.95
N ASN A 187 -14.02 19.83 40.45
CA ASN A 187 -14.16 18.53 41.07
C ASN A 187 -13.66 17.44 40.14
N GLY A 188 -12.89 17.83 39.14
CA GLY A 188 -12.32 16.86 38.22
C GLY A 188 -13.36 16.18 37.34
N GLN A 189 -14.50 16.85 37.15
CA GLN A 189 -15.57 16.29 36.34
C GLN A 189 -15.75 16.86 34.93
N TYR A 190 -16.33 16.05 34.06
CA TYR A 190 -16.63 16.48 32.68
C TYR A 190 -18.05 16.01 32.45
N ARG A 191 -18.79 16.73 31.65
CA ARG A 191 -20.14 16.33 31.38
C ARG A 191 -20.48 16.83 29.99
N VAL A 192 -21.05 15.95 29.17
CA VAL A 192 -21.42 16.40 27.85
C VAL A 192 -22.79 15.94 27.50
N ARG A 193 -23.43 16.70 26.63
CA ARG A 193 -24.73 16.32 26.11
C ARG A 193 -24.45 16.02 24.62
N THR A 194 -24.82 14.83 24.16
CA THR A 194 -24.60 14.48 22.76
C THR A 194 -25.69 13.47 22.37
N ILE A 195 -25.43 12.59 21.41
CA ILE A 195 -26.41 11.56 21.05
C ILE A 195 -25.72 10.20 21.08
N LEU A 196 -26.51 9.13 21.22
CA LEU A 196 -25.94 7.78 21.21
C LEU A 196 -25.46 7.44 19.82
N PRO A 197 -24.20 7.04 19.69
CA PRO A 197 -23.68 6.70 18.37
C PRO A 197 -24.17 5.32 17.97
N ALA A 198 -24.08 5.03 16.67
CA ALA A 198 -24.45 3.72 16.13
C ALA A 198 -23.09 3.14 15.74
N GLY A 199 -23.00 1.82 15.66
CA GLY A 199 -21.76 1.19 15.27
C GLY A 199 -21.31 1.70 13.90
N TYR A 200 -20.04 1.48 13.59
CA TYR A 200 -19.43 1.90 12.34
C TYR A 200 -19.24 0.63 11.46
N GLY A 201 -19.36 0.78 10.14
CA GLY A 201 -19.14 -0.34 9.25
C GLY A 201 -18.18 0.13 8.17
N CYS A 202 -17.25 -0.71 7.72
CA CYS A 202 -16.30 -0.29 6.66
C CYS A 202 -17.04 -0.07 5.36
N PRO A 203 -16.55 0.86 4.51
CA PRO A 203 -17.20 1.11 3.21
C PRO A 203 -17.33 -0.26 2.55
N PRO A 204 -18.56 -0.71 2.30
CA PRO A 204 -18.79 -2.01 1.68
C PRO A 204 -18.04 -2.35 0.41
N GLU A 205 -17.87 -1.37 -0.47
CA GLU A 205 -17.16 -1.65 -1.70
C GLU A 205 -15.70 -1.23 -1.64
N GLY A 206 -15.26 -0.76 -0.46
CA GLY A 206 -13.88 -0.33 -0.31
C GLY A 206 -12.90 -1.49 -0.21
N PRO A 207 -11.60 -1.24 -0.42
CA PRO A 207 -10.59 -2.30 -0.34
C PRO A 207 -10.50 -3.05 1.02
N THR A 208 -10.76 -2.36 2.12
CA THR A 208 -10.65 -3.03 3.41
C THR A 208 -11.72 -4.12 3.50
N GLN A 209 -12.96 -3.77 3.17
CA GLN A 209 -14.01 -4.76 3.23
C GLN A 209 -13.77 -5.87 2.21
N GLN A 210 -13.27 -5.50 1.03
CA GLN A 210 -12.97 -6.52 0.03
C GLN A 210 -11.99 -7.55 0.57
N LEU A 211 -10.93 -7.11 1.24
CA LEU A 211 -9.97 -8.06 1.78
C LEU A 211 -10.62 -8.88 2.91
N LEU A 212 -11.32 -8.22 3.83
CA LEU A 212 -11.96 -8.91 4.95
C LEU A 212 -12.91 -9.99 4.43
N ASN A 213 -13.56 -9.73 3.30
CA ASN A 213 -14.46 -10.72 2.73
C ASN A 213 -13.71 -11.98 2.38
N GLN A 214 -12.50 -11.83 1.83
CA GLN A 214 -11.67 -12.97 1.46
C GLN A 214 -11.22 -13.80 2.67
N LEU A 215 -11.27 -13.21 3.86
CA LEU A 215 -10.89 -13.88 5.12
C LEU A 215 -12.14 -14.39 5.86
N GLY A 216 -13.32 -14.21 5.25
CA GLY A 216 -14.57 -14.64 5.85
C GLY A 216 -14.94 -13.81 7.07
N ARG A 217 -14.48 -12.55 7.10
CA ARG A 217 -14.73 -11.66 8.22
C ARG A 217 -15.61 -10.46 7.88
N HIS A 218 -16.27 -9.91 8.89
CA HIS A 218 -17.12 -8.74 8.69
C HIS A 218 -16.29 -7.49 8.99
N GLY A 219 -16.80 -6.33 8.60
CA GLY A 219 -16.08 -5.10 8.85
C GLY A 219 -16.81 -4.16 9.77
N ASN A 220 -17.43 -4.69 10.81
CA ASN A 220 -18.20 -3.89 11.77
C ASN A 220 -17.58 -3.61 13.12
N ARG A 221 -17.92 -2.44 13.66
CA ARG A 221 -17.47 -2.04 14.99
C ARG A 221 -18.71 -1.74 15.81
N PRO A 222 -18.70 -2.12 17.10
CA PRO A 222 -19.85 -1.84 17.97
C PRO A 222 -19.93 -0.32 18.20
N ALA A 223 -21.07 0.19 18.68
CA ALA A 223 -21.20 1.63 18.97
C ALA A 223 -20.19 1.95 20.07
N HIS A 224 -19.40 3.00 19.88
CA HIS A 224 -18.36 3.38 20.84
C HIS A 224 -18.08 4.89 20.82
N ILE A 225 -17.42 5.34 21.88
CA ILE A 225 -17.06 6.76 22.05
C ILE A 225 -15.57 6.83 22.35
N HIS A 226 -14.83 7.65 21.61
CA HIS A 226 -13.39 7.80 21.78
C HIS A 226 -13.02 8.85 22.84
N TYR A 227 -11.91 8.62 23.52
CA TYR A 227 -11.38 9.55 24.52
C TYR A 227 -9.86 9.74 24.39
N PHE A 228 -9.43 10.97 24.64
CA PHE A 228 -8.03 11.35 24.79
C PHE A 228 -8.15 12.08 26.13
N VAL A 229 -7.31 11.76 27.09
CA VAL A 229 -7.33 12.50 28.34
C VAL A 229 -5.86 12.83 28.62
N SER A 230 -5.57 14.12 28.80
CA SER A 230 -4.22 14.53 29.14
C SER A 230 -4.23 15.52 30.32
N ALA A 231 -3.14 15.55 31.08
CA ALA A 231 -3.01 16.41 32.24
C ALA A 231 -1.55 16.47 32.64
N ASP A 232 -1.14 17.58 33.27
CA ASP A 232 0.24 17.69 33.70
C ASP A 232 0.64 16.55 34.62
N GLY A 233 1.91 16.15 34.53
CA GLY A 233 2.40 15.07 35.36
C GLY A 233 1.92 13.67 35.01
N HIS A 234 1.04 13.55 34.02
CA HIS A 234 0.55 12.22 33.65
C HIS A 234 0.72 11.94 32.18
N ARG A 235 0.69 10.66 31.84
CA ARG A 235 0.83 10.24 30.45
C ARG A 235 -0.52 10.46 29.77
N LYS A 236 -0.50 10.64 28.45
CA LYS A 236 -1.74 10.86 27.71
C LYS A 236 -2.44 9.50 27.54
N LEU A 237 -3.72 9.47 27.93
CA LEU A 237 -4.51 8.23 27.86
C LEU A 237 -5.31 8.21 26.57
N THR A 238 -5.26 7.09 25.86
CA THR A 238 -6.06 6.91 24.66
C THR A 238 -6.94 5.71 24.96
N THR A 239 -8.26 5.86 24.85
CA THR A 239 -9.11 4.72 25.13
C THR A 239 -10.49 4.96 24.51
N GLN A 240 -11.45 4.09 24.80
CA GLN A 240 -12.78 4.31 24.26
C GLN A 240 -13.74 3.50 25.11
N ILE A 241 -15.03 3.80 25.01
CA ILE A 241 -16.01 3.00 25.74
C ILE A 241 -16.98 2.41 24.72
N ASN A 242 -17.45 1.21 25.02
CA ASN A 242 -18.38 0.47 24.21
C ASN A 242 -19.76 0.53 24.82
N VAL A 243 -20.77 0.76 24.01
CA VAL A 243 -22.12 0.79 24.53
C VAL A 243 -22.55 -0.65 24.79
N ALA A 244 -22.88 -0.97 26.03
CA ALA A 244 -23.26 -2.34 26.37
C ALA A 244 -24.49 -2.80 25.56
N GLY A 245 -24.50 -4.08 25.22
CA GLY A 245 -25.63 -4.63 24.48
C GLY A 245 -25.44 -4.66 22.98
N ASP A 246 -24.44 -3.95 22.46
CA ASP A 246 -24.22 -3.93 21.03
C ASP A 246 -23.88 -5.34 20.57
N PRO A 247 -24.39 -5.76 19.40
CA PRO A 247 -24.17 -7.07 18.81
C PRO A 247 -22.72 -7.35 18.52
N TYR A 248 -21.93 -6.29 18.36
CA TYR A 248 -20.52 -6.46 18.04
C TYR A 248 -19.58 -6.14 19.18
N THR A 249 -20.14 -5.99 20.37
CA THR A 249 -19.33 -5.69 21.53
C THR A 249 -18.10 -6.59 21.62
N TYR A 250 -18.30 -7.89 21.49
CA TYR A 250 -17.17 -8.79 21.60
C TYR A 250 -16.78 -9.39 20.27
N ASP A 251 -17.04 -8.65 19.20
CA ASP A 251 -16.73 -9.15 17.88
C ASP A 251 -16.47 -7.96 16.98
N ASP A 252 -15.62 -7.08 17.49
CA ASP A 252 -15.20 -5.85 16.83
C ASP A 252 -14.19 -6.23 15.73
N PHE A 253 -14.34 -5.73 14.50
CA PHE A 253 -13.39 -6.08 13.46
C PHE A 253 -12.00 -5.45 13.74
N ALA A 254 -11.98 -4.44 14.59
CA ALA A 254 -10.72 -3.77 14.95
C ALA A 254 -10.16 -4.25 16.28
N TYR A 255 -10.80 -5.26 16.87
CA TYR A 255 -10.33 -5.87 18.13
C TYR A 255 -9.97 -4.87 19.25
N ALA A 256 -10.77 -3.83 19.39
CA ALA A 256 -10.46 -2.82 20.39
C ALA A 256 -11.20 -2.93 21.70
N THR A 257 -12.25 -3.73 21.76
CA THR A 257 -13.00 -3.81 23.01
C THR A 257 -12.23 -4.54 24.12
N ARG A 258 -12.36 -4.01 25.33
CA ARG A 258 -11.69 -4.55 26.52
C ARG A 258 -12.60 -4.55 27.70
N GLU A 259 -12.35 -5.47 28.62
CA GLU A 259 -13.13 -5.54 29.85
C GLU A 259 -12.84 -4.27 30.62
N GLY A 260 -13.89 -3.67 31.16
CA GLY A 260 -13.71 -2.44 31.87
C GLY A 260 -14.03 -1.26 30.98
N LEU A 261 -14.20 -1.48 29.69
CA LEU A 261 -14.53 -0.39 28.78
C LEU A 261 -15.94 -0.51 28.19
N VAL A 262 -16.70 -1.49 28.68
CA VAL A 262 -18.08 -1.70 28.21
C VAL A 262 -18.97 -0.99 29.23
N VAL A 263 -19.74 -0.01 28.79
CA VAL A 263 -20.58 0.77 29.69
C VAL A 263 -22.07 0.72 29.34
N ASP A 264 -22.92 0.60 30.35
CA ASP A 264 -24.37 0.57 30.13
C ASP A 264 -24.93 1.97 29.93
N ALA A 265 -25.77 2.15 28.93
CA ALA A 265 -26.42 3.43 28.71
C ALA A 265 -27.81 3.25 29.33
N VAL A 266 -28.02 3.85 30.49
CA VAL A 266 -29.31 3.78 31.18
C VAL A 266 -30.36 4.70 30.58
N GLU A 267 -31.54 4.16 30.29
CA GLU A 267 -32.61 4.97 29.70
C GLU A 267 -33.54 5.59 30.73
N HIS A 268 -33.76 6.89 30.60
CA HIS A 268 -34.63 7.62 31.51
C HIS A 268 -35.84 8.11 30.73
N THR A 269 -37.03 7.88 31.27
CA THR A 269 -38.27 8.31 30.64
C THR A 269 -39.14 9.07 31.61
N ASP A 270 -38.84 8.97 32.89
CA ASP A 270 -39.67 9.64 33.87
C ASP A 270 -39.44 11.14 33.87
N PRO A 271 -40.53 11.91 33.94
CA PRO A 271 -40.53 13.37 33.96
C PRO A 271 -39.55 14.04 34.92
N GLU A 272 -39.32 13.44 36.09
CA GLU A 272 -38.41 14.06 37.03
C GLU A 272 -36.98 14.07 36.53
N ALA A 273 -36.55 12.95 35.95
CA ALA A 273 -35.20 12.84 35.42
C ALA A 273 -35.02 13.83 34.28
N ILE A 274 -35.99 13.79 33.36
CA ILE A 274 -35.99 14.65 32.20
C ILE A 274 -35.86 16.11 32.58
N LYS A 275 -36.71 16.54 33.48
CA LYS A 275 -36.72 17.92 33.93
C LYS A 275 -35.45 18.33 34.67
N ALA A 276 -34.90 17.42 35.46
CA ALA A 276 -33.69 17.69 36.23
C ALA A 276 -32.47 17.94 35.36
N ASN A 277 -32.25 17.08 34.37
CA ASN A 277 -31.12 17.19 33.45
C ASN A 277 -31.46 18.16 32.34
N ASP A 278 -32.59 18.84 32.51
CA ASP A 278 -33.13 19.79 31.55
C ASP A 278 -32.95 19.42 30.09
N VAL A 279 -33.59 18.33 29.70
CA VAL A 279 -33.59 17.90 28.31
C VAL A 279 -35.04 17.98 27.89
N GLU A 280 -35.32 17.69 26.63
CA GLU A 280 -36.68 17.81 26.10
C GLU A 280 -37.50 16.53 25.98
N GLY A 281 -36.98 15.43 26.52
CA GLY A 281 -37.70 14.17 26.43
C GLY A 281 -36.84 13.05 26.94
N PRO A 282 -37.23 11.77 26.78
CA PRO A 282 -36.43 10.64 27.24
C PRO A 282 -34.98 10.71 26.72
N PHE A 283 -34.04 10.27 27.54
CA PHE A 283 -32.63 10.31 27.16
C PHE A 283 -31.89 9.15 27.79
N ALA A 284 -30.66 8.91 27.32
CA ALA A 284 -29.82 7.86 27.87
C ALA A 284 -28.71 8.52 28.71
N GLU A 285 -28.27 7.83 29.75
CA GLU A 285 -27.19 8.34 30.58
C GLU A 285 -26.07 7.29 30.74
N MET A 286 -24.83 7.73 30.59
CA MET A 286 -23.64 6.89 30.75
C MET A 286 -22.68 7.64 31.66
N VAL A 287 -22.13 6.94 32.64
CA VAL A 287 -21.17 7.52 33.55
C VAL A 287 -19.86 6.77 33.27
N PHE A 288 -18.75 7.47 33.10
CA PHE A 288 -17.50 6.77 32.88
C PHE A 288 -16.37 7.60 33.45
N ASP A 289 -15.71 7.06 34.48
CA ASP A 289 -14.58 7.74 35.13
C ASP A 289 -13.31 7.18 34.53
N LEU A 290 -12.29 8.03 34.46
CA LEU A 290 -10.99 7.62 33.93
C LEU A 290 -9.92 7.93 34.94
N LYS A 291 -8.98 7.00 35.11
CA LYS A 291 -7.87 7.18 36.04
C LYS A 291 -6.59 7.19 35.21
N LEU A 292 -5.76 8.21 35.45
CA LEU A 292 -4.51 8.40 34.71
C LEU A 292 -3.25 7.83 35.38
N THR A 293 -2.20 7.65 34.60
CA THR A 293 -0.94 7.17 35.13
C THR A 293 0.10 8.30 35.04
N ARG A 294 1.06 8.26 35.96
CA ARG A 294 2.12 9.24 36.03
C ARG A 294 3.18 9.05 34.94
N LEU A 295 3.89 10.12 34.64
CA LEU A 295 4.96 10.10 33.65
C LEU A 295 6.03 9.12 34.16
N VAL A 296 6.86 8.62 33.26
CA VAL A 296 7.90 7.67 33.63
C VAL A 296 9.21 8.43 33.47
N ASP A 297 9.87 8.68 34.60
CA ASP A 297 11.12 9.43 34.65
C ASP A 297 10.98 10.74 33.89
N GLY A 298 9.90 11.44 34.21
CA GLY A 298 9.61 12.72 33.59
C GLY A 298 9.15 12.71 32.16
N VAL A 299 8.91 11.54 31.59
CA VAL A 299 8.48 11.49 30.19
C VAL A 299 7.30 10.56 29.93
N ASP A 300 6.55 10.88 28.88
CA ASP A 300 5.41 10.06 28.47
C ASP A 300 5.97 9.03 27.50
N ASN A 301 6.25 7.84 28.00
CA ASN A 301 6.87 6.80 27.18
C ASN A 301 5.94 6.12 26.17
N GLN A 302 4.67 6.49 26.16
CA GLN A 302 3.76 5.83 25.24
C GLN A 302 2.93 6.74 24.31
N VAL A 303 3.19 8.05 24.32
CA VAL A 303 2.42 8.93 23.44
C VAL A 303 2.76 8.56 22.00
N VAL A 304 1.77 8.67 21.13
CA VAL A 304 2.01 8.38 19.74
C VAL A 304 1.86 9.61 18.88
N ASP A 305 2.88 9.86 18.06
CA ASP A 305 2.85 10.96 17.13
C ASP A 305 2.55 10.31 15.78
N ARG A 306 1.35 10.53 15.27
CA ARG A 306 0.99 9.98 13.98
C ARG A 306 0.21 11.03 13.24
N PRO A 307 0.20 10.96 11.90
CA PRO A 307 -0.53 11.92 11.08
C PRO A 307 -2.02 11.96 11.49
N ARG A 308 -2.52 13.14 11.83
CA ARG A 308 -3.93 13.29 12.22
C ARG A 308 -4.47 14.52 11.50
N LEU A 309 -5.71 14.46 11.04
CA LEU A 309 -6.31 15.60 10.36
C LEU A 309 -6.44 16.76 11.36
N ALA A 310 -6.11 17.97 10.91
CA ALA A 310 -6.26 19.15 11.77
C ALA A 310 -7.12 20.15 10.99
N VAL A 311 -7.94 20.89 11.70
CA VAL A 311 -8.82 21.86 11.07
C VAL A 311 -8.84 23.11 11.96
N VAL B 3 11.14 -6.90 26.75
CA VAL B 3 9.67 -7.09 26.44
C VAL B 3 9.43 -7.77 25.08
N LYS B 4 9.01 -9.02 25.11
CA LYS B 4 8.76 -9.78 23.89
C LYS B 4 7.47 -10.56 24.01
N ILE B 5 6.53 -10.35 23.09
CA ILE B 5 5.27 -11.07 23.19
C ILE B 5 4.87 -11.87 21.94
N PHE B 6 5.60 -11.70 20.84
CA PHE B 6 5.24 -12.41 19.62
C PHE B 6 5.00 -13.92 19.77
N ASN B 7 5.91 -14.62 20.42
CA ASN B 7 5.74 -16.06 20.55
C ASN B 7 4.94 -16.55 21.75
N THR B 8 4.02 -15.73 22.22
CA THR B 8 3.14 -16.13 23.33
C THR B 8 1.84 -16.64 22.69
N GLN B 9 1.11 -17.50 23.39
CA GLN B 9 -0.14 -18.05 22.86
C GLN B 9 -1.13 -16.97 22.47
N ASP B 10 -1.21 -15.93 23.29
CA ASP B 10 -2.13 -14.84 23.05
C ASP B 10 -1.94 -14.24 21.66
N VAL B 11 -0.69 -13.93 21.33
CA VAL B 11 -0.42 -13.35 20.02
C VAL B 11 -0.60 -14.36 18.90
N GLN B 12 -0.10 -15.59 19.07
CA GLN B 12 -0.27 -16.59 18.02
C GLN B 12 -1.76 -16.90 17.76
N ASP B 13 -2.56 -16.96 18.82
CA ASP B 13 -3.99 -17.21 18.65
C ASP B 13 -4.65 -16.03 17.96
N PHE B 14 -4.22 -14.82 18.31
CA PHE B 14 -4.76 -13.61 17.71
C PHE B 14 -4.44 -13.55 16.20
N LEU B 15 -3.27 -14.04 15.81
CA LEU B 15 -2.89 -14.04 14.40
C LEU B 15 -3.83 -14.95 13.59
N ARG B 16 -4.28 -16.05 14.19
CA ARG B 16 -5.17 -16.98 13.48
C ARG B 16 -6.55 -16.35 13.30
N VAL B 17 -6.99 -15.65 14.35
CA VAL B 17 -8.28 -14.95 14.32
C VAL B 17 -8.29 -13.84 13.26
N ALA B 18 -7.30 -12.95 13.31
CA ALA B 18 -7.21 -11.85 12.36
C ALA B 18 -7.14 -12.35 10.91
N SER B 19 -6.50 -13.51 10.70
CA SER B 19 -6.33 -14.11 9.38
C SER B 19 -7.57 -14.89 8.91
N GLY B 20 -8.57 -15.03 9.79
CA GLY B 20 -9.80 -15.74 9.46
C GLY B 20 -9.68 -17.26 9.28
N LEU B 21 -8.57 -17.79 9.79
CA LEU B 21 -8.28 -19.22 9.68
C LEU B 21 -9.37 -20.14 10.18
N GLU B 22 -10.02 -19.77 11.27
CA GLU B 22 -11.09 -20.61 11.79
C GLU B 22 -12.48 -20.18 11.29
N GLN B 23 -12.51 -19.20 10.38
CA GLN B 23 -13.75 -18.72 9.78
C GLN B 23 -14.11 -19.68 8.66
N GLU B 24 -15.41 -19.91 8.47
CA GLU B 24 -15.92 -20.84 7.46
C GLU B 24 -15.88 -20.26 6.05
N GLY B 25 -16.21 -18.99 5.92
CA GLY B 25 -16.19 -18.36 4.62
C GLY B 25 -14.80 -17.89 4.20
N GLY B 26 -14.72 -17.31 3.01
CA GLY B 26 -13.44 -16.84 2.54
C GLY B 26 -12.69 -17.74 1.57
N ASN B 27 -11.51 -17.28 1.21
CA ASN B 27 -10.64 -17.98 0.28
C ASN B 27 -9.43 -18.50 1.06
N PRO B 28 -9.31 -19.85 1.24
CA PRO B 28 -8.19 -20.42 1.99
C PRO B 28 -6.78 -20.02 1.54
N ARG B 29 -6.64 -19.75 0.25
CA ARG B 29 -5.34 -19.36 -0.27
C ARG B 29 -4.98 -17.95 0.23
N VAL B 30 -5.95 -17.03 0.19
CA VAL B 30 -5.70 -15.67 0.67
C VAL B 30 -5.40 -15.72 2.17
N LYS B 31 -6.19 -16.50 2.91
CA LYS B 31 -5.98 -16.63 4.36
C LYS B 31 -4.59 -17.13 4.66
N GLN B 32 -4.15 -18.13 3.90
CA GLN B 32 -2.84 -18.73 4.07
C GLN B 32 -1.72 -17.71 3.87
N ILE B 33 -1.84 -16.92 2.80
CA ILE B 33 -0.85 -15.90 2.52
C ILE B 33 -0.90 -14.79 3.58
N ILE B 34 -2.09 -14.30 3.89
CA ILE B 34 -2.24 -13.26 4.91
C ILE B 34 -1.68 -13.72 6.26
N HIS B 35 -1.97 -14.96 6.65
CA HIS B 35 -1.47 -15.43 7.93
C HIS B 35 0.05 -15.37 7.95
N ARG B 36 0.69 -15.79 6.85
CA ARG B 36 2.15 -15.77 6.79
C ARG B 36 2.70 -14.34 6.80
N VAL B 37 2.13 -13.47 5.98
CA VAL B 37 2.59 -12.10 5.93
C VAL B 37 2.39 -11.38 7.27
N LEU B 38 1.23 -11.54 7.89
CA LEU B 38 1.00 -10.89 9.18
C LEU B 38 1.97 -11.37 10.23
N SER B 39 2.16 -12.68 10.29
CA SER B 39 3.09 -13.26 11.26
C SER B 39 4.46 -12.65 11.09
N ASP B 40 4.92 -12.61 9.85
CA ASP B 40 6.22 -12.06 9.55
C ASP B 40 6.34 -10.60 9.95
N LEU B 41 5.29 -9.82 9.68
CA LEU B 41 5.35 -8.40 10.02
C LEU B 41 5.26 -8.16 11.53
N TYR B 42 4.39 -8.90 12.21
CA TYR B 42 4.27 -8.75 13.66
C TYR B 42 5.62 -9.07 14.28
N LYS B 43 6.27 -10.12 13.79
CA LYS B 43 7.57 -10.52 14.32
C LYS B 43 8.63 -9.46 14.01
N ALA B 44 8.63 -8.93 12.79
CA ALA B 44 9.61 -7.91 12.43
C ALA B 44 9.47 -6.66 13.29
N ILE B 45 8.23 -6.30 13.63
CA ILE B 45 8.00 -5.13 14.48
C ILE B 45 8.68 -5.36 15.84
N GLU B 46 8.60 -6.58 16.36
CA GLU B 46 9.23 -6.90 17.63
C GLU B 46 10.77 -7.01 17.51
N ASP B 47 11.25 -7.78 16.53
CA ASP B 47 12.68 -7.96 16.32
C ASP B 47 13.44 -6.67 16.08
N LEU B 48 12.89 -5.77 15.29
CA LEU B 48 13.56 -4.49 15.01
C LEU B 48 13.13 -3.36 15.94
N ASN B 49 12.27 -3.69 16.91
CA ASN B 49 11.72 -2.73 17.88
C ASN B 49 11.16 -1.48 17.15
N ILE B 50 10.27 -1.73 16.21
CA ILE B 50 9.63 -0.63 15.47
C ILE B 50 8.63 0.03 16.43
N THR B 51 8.76 1.34 16.59
CA THR B 51 7.87 2.09 17.50
C THR B 51 6.55 2.41 16.81
N SER B 52 5.55 2.88 17.57
CA SER B 52 4.27 3.26 16.94
C SER B 52 4.48 4.43 15.97
N ASP B 53 5.33 5.38 16.35
CA ASP B 53 5.59 6.53 15.48
C ASP B 53 6.15 6.04 14.16
N GLU B 54 7.08 5.09 14.19
CA GLU B 54 7.64 4.57 12.95
C GLU B 54 6.55 3.84 12.17
N TYR B 55 5.83 2.97 12.87
CA TYR B 55 4.76 2.21 12.21
C TYR B 55 3.77 3.11 11.43
N TRP B 56 3.24 4.15 12.09
CA TRP B 56 2.27 5.02 11.45
C TRP B 56 2.85 5.83 10.29
N ALA B 57 4.16 6.04 10.28
CA ALA B 57 4.82 6.72 9.18
C ALA B 57 4.80 5.75 7.99
N GLY B 58 4.90 4.45 8.30
CA GLY B 58 4.85 3.43 7.25
C GLY B 58 3.46 3.36 6.64
N VAL B 59 2.43 3.42 7.48
CA VAL B 59 1.04 3.38 7.01
C VAL B 59 0.74 4.62 6.16
N ALA B 60 1.25 5.79 6.57
CA ALA B 60 1.01 7.02 5.80
C ALA B 60 1.64 6.90 4.40
N TYR B 61 2.85 6.31 4.34
CA TYR B 61 3.56 6.11 3.08
C TYR B 61 2.74 5.21 2.16
N LEU B 62 2.15 4.16 2.72
CA LEU B 62 1.33 3.25 1.92
C LEU B 62 0.15 4.01 1.29
N ASN B 63 -0.48 4.87 2.08
CA ASN B 63 -1.58 5.63 1.50
C ASN B 63 -1.11 6.46 0.33
N GLN B 64 0.01 7.17 0.49
CA GLN B 64 0.42 8.01 -0.60
C GLN B 64 0.98 7.22 -1.77
N LEU B 65 1.51 6.04 -1.51
CA LEU B 65 2.03 5.18 -2.57
C LEU B 65 0.89 4.86 -3.52
N GLY B 66 -0.24 4.41 -2.95
CA GLY B 66 -1.39 4.08 -3.76
C GLY B 66 -2.09 5.30 -4.32
N ALA B 67 -2.18 6.38 -3.52
CA ALA B 67 -2.82 7.61 -3.99
C ALA B 67 -2.11 8.07 -5.26
N ASN B 68 -0.82 7.83 -5.36
CA ASN B 68 -0.07 8.21 -6.57
C ASN B 68 0.03 7.10 -7.59
N GLN B 69 -0.68 6.01 -7.35
CA GLN B 69 -0.65 4.87 -8.23
C GLN B 69 0.76 4.42 -8.54
N GLU B 70 1.63 4.40 -7.53
CA GLU B 70 3.01 4.01 -7.76
C GLU B 70 3.46 2.63 -7.27
N ALA B 71 2.53 1.79 -6.81
CA ALA B 71 2.94 0.48 -6.31
C ALA B 71 3.67 -0.34 -7.39
N GLY B 72 3.23 -0.23 -8.64
CA GLY B 72 3.88 -0.94 -9.76
C GLY B 72 5.22 -0.34 -10.18
N LEU B 73 5.58 0.82 -9.61
CA LEU B 73 6.83 1.49 -9.90
C LEU B 73 7.82 1.16 -8.77
N LEU B 74 7.32 1.14 -7.54
CA LEU B 74 8.18 0.82 -6.41
C LEU B 74 8.54 -0.67 -6.47
N SER B 75 7.58 -1.49 -6.89
CA SER B 75 7.77 -2.92 -6.98
C SER B 75 9.07 -3.28 -7.70
N PRO B 76 9.26 -2.82 -8.96
CA PRO B 76 10.52 -3.17 -9.61
C PRO B 76 11.73 -2.55 -8.95
N GLY B 77 11.57 -1.34 -8.41
CA GLY B 77 12.66 -0.67 -7.72
C GLY B 77 13.14 -1.46 -6.50
N LEU B 78 12.25 -2.24 -5.88
CA LEU B 78 12.62 -3.05 -4.71
C LEU B 78 13.01 -4.47 -5.13
N GLY B 79 13.18 -4.68 -6.43
CA GLY B 79 13.63 -5.97 -6.95
C GLY B 79 12.63 -7.09 -7.17
N PHE B 80 11.39 -6.93 -6.72
CA PHE B 80 10.40 -7.97 -6.93
C PHE B 80 10.26 -8.44 -8.38
N ASP B 81 10.13 -7.49 -9.30
CA ASP B 81 9.95 -7.83 -10.70
C ASP B 81 11.05 -8.74 -11.24
N HIS B 82 12.29 -8.36 -10.98
CA HIS B 82 13.43 -9.15 -11.42
C HIS B 82 13.45 -10.51 -10.67
N TYR B 83 13.15 -10.51 -9.37
CA TYR B 83 13.12 -11.74 -8.57
C TYR B 83 12.11 -12.75 -9.15
N LEU B 84 10.93 -12.26 -9.53
CA LEU B 84 9.93 -13.11 -10.14
C LEU B 84 10.48 -13.68 -11.46
N ASP B 85 11.28 -12.88 -12.19
CA ASP B 85 11.90 -13.39 -13.43
C ASP B 85 12.93 -14.47 -13.11
N MET B 86 13.67 -14.29 -12.02
CA MET B 86 14.67 -15.30 -11.62
C MET B 86 13.97 -16.65 -11.33
N ARG B 87 12.81 -16.58 -10.69
CA ARG B 87 12.03 -17.78 -10.40
C ARG B 87 11.54 -18.49 -11.68
N MET B 88 11.10 -17.73 -12.68
CA MET B 88 10.63 -18.28 -13.95
C MET B 88 11.81 -18.95 -14.66
N ASP B 89 12.95 -18.27 -14.64
CA ASP B 89 14.15 -18.81 -15.24
C ASP B 89 14.51 -20.13 -14.59
N ALA B 90 14.45 -20.18 -13.26
CA ALA B 90 14.78 -21.39 -12.54
C ALA B 90 13.82 -22.50 -12.94
N GLU B 91 12.53 -22.19 -13.02
CA GLU B 91 11.53 -23.19 -13.39
C GLU B 91 11.74 -23.71 -14.82
N ASP B 92 12.10 -22.81 -15.75
CA ASP B 92 12.35 -23.22 -17.12
C ASP B 92 13.58 -24.14 -17.16
N ALA B 93 14.61 -23.77 -16.40
CA ALA B 93 15.80 -24.60 -16.35
C ALA B 93 15.44 -26.00 -15.85
N ALA B 94 14.55 -26.05 -14.86
CA ALA B 94 14.10 -27.33 -14.31
C ALA B 94 13.37 -28.17 -15.35
N LEU B 95 12.63 -27.52 -16.24
CA LEU B 95 11.89 -28.23 -17.28
C LEU B 95 12.73 -28.51 -18.53
N GLY B 96 13.99 -28.12 -18.50
CA GLY B 96 14.87 -28.36 -19.63
C GLY B 96 14.68 -27.40 -20.78
N ILE B 97 14.02 -26.27 -20.49
CA ILE B 97 13.78 -25.27 -21.51
C ILE B 97 14.94 -24.26 -21.58
N GLU B 98 15.52 -24.16 -22.77
CA GLU B 98 16.62 -23.24 -23.04
C GLU B 98 15.98 -21.95 -23.59
N ASN B 99 16.18 -20.84 -22.88
CA ASN B 99 15.63 -19.56 -23.31
C ASN B 99 16.62 -18.80 -24.19
N ALA B 100 16.51 -19.00 -25.50
CA ALA B 100 17.41 -18.34 -26.42
C ALA B 100 17.43 -16.82 -26.20
N THR B 101 16.27 -16.19 -26.15
CA THR B 101 16.25 -14.75 -25.89
C THR B 101 15.81 -14.63 -24.45
N PRO B 102 16.67 -14.07 -23.58
CA PRO B 102 16.27 -13.95 -22.17
C PRO B 102 15.10 -13.00 -21.87
N ARG B 103 14.28 -13.41 -20.90
CA ARG B 103 13.15 -12.61 -20.47
C ARG B 103 13.66 -11.53 -19.51
N THR B 104 12.91 -10.44 -19.39
CA THR B 104 13.22 -9.48 -18.36
C THR B 104 11.92 -8.80 -18.04
N ILE B 105 11.91 -7.86 -17.12
CA ILE B 105 10.66 -7.27 -16.67
C ILE B 105 9.81 -6.51 -17.69
N GLU B 106 8.50 -6.61 -17.47
CA GLU B 106 7.53 -5.92 -18.32
C GLU B 106 7.50 -4.42 -17.95
N GLY B 107 7.57 -4.11 -16.66
CA GLY B 107 7.46 -2.73 -16.23
C GLY B 107 5.96 -2.44 -16.13
N PRO B 108 5.56 -1.31 -15.54
CA PRO B 108 4.12 -1.00 -15.40
C PRO B 108 3.47 -0.12 -16.47
N LEU B 109 4.16 0.11 -17.58
CA LEU B 109 3.66 1.03 -18.57
C LEU B 109 3.18 0.47 -19.90
N TYR B 110 2.86 -0.82 -19.95
CA TYR B 110 2.32 -1.37 -21.20
C TYR B 110 0.86 -0.88 -21.32
N VAL B 111 0.39 -0.64 -22.55
CA VAL B 111 -1.00 -0.21 -22.78
C VAL B 111 -1.53 -1.09 -23.91
N ALA B 112 -2.66 -1.74 -23.69
CA ALA B 112 -3.24 -2.60 -24.71
C ALA B 112 -4.06 -1.74 -25.69
N GLY B 113 -4.11 -2.16 -26.96
CA GLY B 113 -4.90 -1.43 -27.95
C GLY B 113 -4.18 -0.68 -29.03
N ALA B 114 -2.86 -0.79 -29.10
CA ALA B 114 -2.08 -0.07 -30.11
C ALA B 114 -2.37 -0.47 -31.54
N PRO B 115 -2.14 0.45 -32.47
CA PRO B 115 -2.35 0.21 -33.89
C PRO B 115 -1.53 -1.00 -34.29
N GLU B 116 -2.10 -1.78 -35.21
CA GLU B 116 -1.45 -2.99 -35.68
C GLU B 116 -1.20 -2.94 -37.19
N SER B 117 -0.07 -3.48 -37.64
CA SER B 117 0.25 -3.49 -39.06
C SER B 117 1.13 -4.69 -39.41
N VAL B 118 1.30 -4.95 -40.71
CA VAL B 118 2.14 -6.07 -41.09
C VAL B 118 3.52 -5.62 -41.54
N GLY B 119 4.54 -6.31 -41.05
CA GLY B 119 5.92 -6.03 -41.42
C GLY B 119 6.60 -4.73 -41.05
N TYR B 120 5.89 -3.62 -41.15
CA TYR B 120 6.52 -2.32 -40.88
C TYR B 120 5.54 -1.37 -40.24
N ALA B 121 6.08 -0.39 -39.52
CA ALA B 121 5.26 0.63 -38.92
C ALA B 121 6.14 1.79 -38.51
N ARG B 122 5.62 3.01 -38.59
CA ARG B 122 6.35 4.13 -38.08
C ARG B 122 5.67 4.28 -36.72
N MET B 123 6.47 4.41 -35.65
CA MET B 123 5.91 4.48 -34.30
C MET B 123 5.60 5.86 -33.73
N ASP B 124 6.36 6.86 -34.15
CA ASP B 124 6.18 8.21 -33.65
C ASP B 124 5.43 9.10 -34.62
N ASP B 125 4.95 10.23 -34.12
CA ASP B 125 4.20 11.14 -34.97
C ASP B 125 5.02 12.38 -35.32
N GLY B 126 6.32 12.33 -35.03
CA GLY B 126 7.20 13.44 -35.32
C GLY B 126 7.01 14.66 -34.45
N SER B 127 6.25 14.53 -33.37
CA SER B 127 5.98 15.66 -32.48
C SER B 127 7.08 15.92 -31.46
N ASP B 128 8.18 15.16 -31.54
CA ASP B 128 9.27 15.38 -30.60
C ASP B 128 10.36 16.15 -31.32
N PRO B 129 10.66 17.37 -30.83
CA PRO B 129 11.67 18.28 -31.37
C PRO B 129 13.05 17.68 -31.46
N ASN B 130 13.47 17.10 -30.34
CA ASN B 130 14.77 16.53 -30.22
C ASN B 130 14.88 15.08 -30.67
N GLY B 131 13.87 14.59 -31.38
CA GLY B 131 13.88 13.20 -31.82
C GLY B 131 14.97 12.79 -32.80
N HIS B 132 15.64 11.67 -32.55
CA HIS B 132 16.69 11.19 -33.45
C HIS B 132 16.14 9.92 -34.08
N THR B 133 16.05 9.91 -35.40
CA THR B 133 15.52 8.79 -36.14
C THR B 133 16.22 7.49 -35.81
N LEU B 134 15.44 6.45 -35.55
CA LEU B 134 15.94 5.14 -35.24
C LEU B 134 15.21 4.14 -36.13
N ILE B 135 15.97 3.25 -36.75
CA ILE B 135 15.38 2.20 -37.56
C ILE B 135 15.74 0.97 -36.75
N LEU B 136 14.72 0.28 -36.23
CA LEU B 136 14.89 -0.92 -35.42
C LEU B 136 14.23 -2.03 -36.22
N HIS B 137 14.94 -3.11 -36.44
CA HIS B 137 14.37 -4.22 -37.22
C HIS B 137 15.01 -5.52 -36.80
N GLY B 138 14.42 -6.63 -37.21
CA GLY B 138 14.96 -7.92 -36.82
C GLY B 138 14.11 -9.06 -37.35
N THR B 139 14.49 -10.27 -36.97
CA THR B 139 13.78 -11.47 -37.40
C THR B 139 13.29 -12.20 -36.16
N ILE B 140 12.12 -12.79 -36.25
CA ILE B 140 11.59 -13.55 -35.15
C ILE B 140 11.75 -15.02 -35.54
N PHE B 141 12.37 -15.82 -34.68
CA PHE B 141 12.57 -17.24 -34.95
C PHE B 141 11.68 -18.13 -34.08
N ASP B 142 11.17 -19.22 -34.66
CA ASP B 142 10.37 -20.15 -33.88
C ASP B 142 11.28 -21.03 -33.05
N ALA B 143 10.70 -21.95 -32.29
CA ALA B 143 11.48 -22.82 -31.43
C ALA B 143 12.50 -23.68 -32.17
N ASP B 144 12.34 -23.83 -33.48
CA ASP B 144 13.26 -24.64 -34.28
C ASP B 144 14.31 -23.82 -34.99
N GLY B 145 14.30 -22.51 -34.78
CA GLY B 145 15.29 -21.66 -35.42
C GLY B 145 14.96 -21.18 -36.82
N LYS B 146 13.70 -21.32 -37.23
CA LYS B 146 13.32 -20.88 -38.56
C LYS B 146 12.53 -19.58 -38.43
N PRO B 147 12.69 -18.64 -39.38
CA PRO B 147 11.97 -17.36 -39.35
C PRO B 147 10.48 -17.64 -39.20
N LEU B 148 9.82 -16.87 -38.35
CA LEU B 148 8.42 -17.08 -38.07
C LEU B 148 7.50 -16.00 -38.58
N PRO B 149 6.78 -16.26 -39.68
CA PRO B 149 5.84 -15.26 -40.20
C PRO B 149 4.62 -15.21 -39.27
N ASN B 150 3.87 -14.11 -39.32
CA ASN B 150 2.67 -13.92 -38.52
C ASN B 150 2.84 -13.90 -37.03
N ALA B 151 4.04 -13.56 -36.56
CA ALA B 151 4.24 -13.47 -35.12
C ALA B 151 3.84 -12.03 -34.79
N LYS B 152 3.33 -11.81 -33.58
CA LYS B 152 2.93 -10.47 -33.19
C LYS B 152 3.96 -9.85 -32.27
N VAL B 153 4.62 -8.82 -32.79
CA VAL B 153 5.65 -8.12 -32.06
C VAL B 153 5.08 -6.82 -31.54
N GLU B 154 5.09 -6.65 -30.21
CA GLU B 154 4.58 -5.42 -29.62
C GLU B 154 5.76 -4.66 -29.05
N ILE B 155 5.86 -3.38 -29.42
CA ILE B 155 6.95 -2.54 -28.97
C ILE B 155 6.43 -1.24 -28.36
N TRP B 156 7.02 -0.82 -27.24
CA TRP B 156 6.66 0.46 -26.63
C TRP B 156 7.91 1.03 -25.96
N HIS B 157 8.03 2.35 -26.00
CA HIS B 157 9.18 3.02 -25.41
C HIS B 157 8.88 4.51 -25.17
N ALA B 158 9.77 5.18 -24.45
CA ALA B 158 9.64 6.60 -24.10
C ALA B 158 10.14 7.56 -25.18
N ASN B 159 9.74 8.82 -25.07
CA ASN B 159 10.20 9.79 -26.03
C ASN B 159 11.55 10.36 -25.53
N THR B 160 12.06 11.42 -26.16
CA THR B 160 13.36 12.01 -25.75
C THR B 160 13.33 12.64 -24.37
N LYS B 161 12.14 12.86 -23.83
CA LYS B 161 12.01 13.46 -22.50
C LYS B 161 11.90 12.35 -21.44
N GLY B 162 11.90 11.10 -21.90
CA GLY B 162 11.77 9.97 -21.00
C GLY B 162 10.33 9.72 -20.58
N PHE B 163 9.37 10.24 -21.37
CA PHE B 163 7.95 10.09 -21.05
C PHE B 163 7.25 9.12 -21.98
N TYR B 164 6.32 8.34 -21.43
CA TYR B 164 5.53 7.40 -22.23
C TYR B 164 4.15 7.95 -22.52
N SER B 165 3.63 7.67 -23.71
CA SER B 165 2.28 8.12 -24.02
C SER B 165 1.37 7.40 -23.01
N HIS B 166 0.31 8.09 -22.63
CA HIS B 166 -0.68 7.63 -21.66
C HIS B 166 -0.19 7.83 -20.23
N PHE B 167 1.08 8.23 -20.08
CA PHE B 167 1.67 8.45 -18.75
C PHE B 167 2.53 9.68 -18.83
N ASP B 168 2.22 10.54 -19.81
CA ASP B 168 2.98 11.74 -20.02
C ASP B 168 2.35 12.86 -19.21
N PRO B 169 3.10 13.43 -18.27
CA PRO B 169 2.55 14.52 -17.45
C PRO B 169 2.29 15.79 -18.26
N THR B 170 3.13 16.04 -19.26
CA THR B 170 2.97 17.24 -20.09
C THR B 170 1.73 17.17 -20.99
N GLY B 171 1.06 16.03 -21.02
CA GLY B 171 -0.14 15.86 -21.83
C GLY B 171 0.09 16.05 -23.32
N GLU B 172 1.34 16.13 -23.73
CA GLU B 172 1.79 16.42 -25.09
C GLU B 172 1.45 15.27 -26.03
N GLN B 173 1.49 14.00 -25.68
CA GLN B 173 1.32 12.89 -26.63
C GLN B 173 -0.04 12.34 -27.00
N GLN B 174 -0.23 12.06 -28.29
CA GLN B 174 -1.48 11.47 -28.74
C GLN B 174 -1.46 9.99 -28.31
N ALA B 175 -2.66 9.41 -28.22
CA ALA B 175 -2.78 8.01 -27.82
C ALA B 175 -1.86 7.12 -28.63
N PHE B 176 -1.27 6.14 -27.95
CA PHE B 176 -0.38 5.17 -28.55
C PHE B 176 0.85 5.69 -29.27
N ASN B 177 1.24 6.92 -29.03
CA ASN B 177 2.43 7.40 -29.67
C ASN B 177 3.57 6.49 -29.19
N MET B 178 4.42 6.06 -30.12
CA MET B 178 5.56 5.17 -29.84
C MET B 178 5.14 3.82 -29.24
N ARG B 179 3.98 3.34 -29.69
CA ARG B 179 3.47 2.04 -29.25
C ARG B 179 2.85 1.41 -30.49
N ARG B 180 3.36 0.26 -30.91
CA ARG B 180 2.81 -0.42 -32.09
C ARG B 180 2.86 -1.94 -31.97
N SER B 181 1.99 -2.61 -32.72
CA SER B 181 1.99 -4.06 -32.85
C SER B 181 2.37 -4.27 -34.33
N ILE B 182 3.36 -5.10 -34.58
CA ILE B 182 3.81 -5.39 -35.95
C ILE B 182 3.72 -6.90 -36.15
N ILE B 183 2.99 -7.33 -37.17
CA ILE B 183 2.87 -8.76 -37.44
C ILE B 183 4.05 -9.05 -38.37
N THR B 184 4.81 -10.09 -38.09
CA THR B 184 5.97 -10.37 -38.93
C THR B 184 5.57 -10.81 -40.34
N ASP B 185 6.36 -10.36 -41.32
CA ASP B 185 6.12 -10.67 -42.73
C ASP B 185 6.52 -12.10 -43.11
N GLU B 186 6.51 -12.39 -44.41
CA GLU B 186 6.83 -13.72 -44.93
C GLU B 186 8.23 -14.18 -44.60
N ASN B 187 9.11 -13.24 -44.31
CA ASN B 187 10.47 -13.61 -43.99
C ASN B 187 10.67 -13.63 -42.49
N GLY B 188 9.57 -13.58 -41.73
CA GLY B 188 9.64 -13.56 -40.28
C GLY B 188 10.25 -12.27 -39.72
N GLN B 189 10.21 -11.19 -40.49
CA GLN B 189 10.80 -9.93 -40.06
C GLN B 189 9.84 -8.86 -39.63
N TYR B 190 10.36 -7.93 -38.86
CA TYR B 190 9.57 -6.79 -38.39
C TYR B 190 10.53 -5.65 -38.57
N ARG B 191 10.00 -4.45 -38.74
CA ARG B 191 10.82 -3.26 -38.92
C ARG B 191 10.04 -2.02 -38.56
N VAL B 192 10.64 -1.15 -37.76
CA VAL B 192 9.93 0.07 -37.41
C VAL B 192 10.83 1.29 -37.52
N ARG B 193 10.19 2.43 -37.76
CA ARG B 193 10.89 3.68 -37.76
C ARG B 193 10.35 4.36 -36.52
N THR B 194 11.24 4.83 -35.66
CA THR B 194 10.81 5.50 -34.45
C THR B 194 11.92 6.49 -34.12
N ILE B 195 12.06 6.88 -32.85
CA ILE B 195 13.15 7.77 -32.46
C ILE B 195 13.87 7.14 -31.28
N LEU B 196 15.14 7.51 -31.04
CA LEU B 196 15.89 6.95 -29.92
C LEU B 196 15.31 7.38 -28.60
N PRO B 197 14.91 6.43 -27.75
CA PRO B 197 14.35 6.90 -26.47
C PRO B 197 15.42 7.44 -25.53
N ALA B 198 14.96 8.22 -24.56
CA ALA B 198 15.81 8.79 -23.52
C ALA B 198 15.54 7.90 -22.30
N GLY B 199 16.43 7.93 -21.31
CA GLY B 199 16.25 7.11 -20.11
C GLY B 199 15.08 7.61 -19.29
N TYR B 200 14.50 6.72 -18.50
CA TYR B 200 13.36 7.07 -17.67
C TYR B 200 13.78 7.38 -16.24
N GLY B 201 13.13 8.36 -15.60
CA GLY B 201 13.44 8.69 -14.22
C GLY B 201 12.15 8.66 -13.43
N CYS B 202 12.15 8.22 -12.17
CA CYS B 202 10.92 8.20 -11.38
C CYS B 202 10.50 9.61 -11.06
N PRO B 203 9.18 9.87 -10.92
CA PRO B 203 8.74 11.23 -10.59
C PRO B 203 9.55 11.61 -9.37
N PRO B 204 10.35 12.68 -9.47
CA PRO B 204 11.19 13.10 -8.33
C PRO B 204 10.46 13.40 -7.03
N GLU B 205 9.22 13.85 -7.12
CA GLU B 205 8.42 14.20 -5.94
C GLU B 205 7.56 13.03 -5.46
N GLY B 206 7.50 11.96 -6.23
CA GLY B 206 6.67 10.84 -5.87
C GLY B 206 7.13 9.94 -4.74
N PRO B 207 6.24 9.11 -4.21
CA PRO B 207 6.62 8.21 -3.12
C PRO B 207 7.73 7.20 -3.46
N THR B 208 7.79 6.75 -4.72
CA THR B 208 8.82 5.77 -5.06
C THR B 208 10.21 6.41 -4.91
N GLN B 209 10.41 7.58 -5.51
CA GLN B 209 11.70 8.23 -5.40
C GLN B 209 12.01 8.65 -3.97
N GLN B 210 11.00 9.04 -3.20
CA GLN B 210 11.34 9.46 -1.84
C GLN B 210 11.88 8.32 -1.00
N LEU B 211 11.31 7.14 -1.16
CA LEU B 211 11.76 5.96 -0.45
C LEU B 211 13.17 5.61 -0.96
N LEU B 212 13.37 5.66 -2.27
CA LEU B 212 14.68 5.36 -2.81
C LEU B 212 15.71 6.31 -2.23
N ASN B 213 15.35 7.58 -2.06
CA ASN B 213 16.31 8.51 -1.46
C ASN B 213 16.71 8.03 -0.07
N GLN B 214 15.77 7.49 0.68
CA GLN B 214 16.11 7.00 2.01
C GLN B 214 17.06 5.80 1.95
N LEU B 215 17.16 5.16 0.80
CA LEU B 215 18.04 3.99 0.67
C LEU B 215 19.35 4.38 0.03
N GLY B 216 19.49 5.67 -0.20
CA GLY B 216 20.68 6.19 -0.84
C GLY B 216 20.75 5.78 -2.30
N ARG B 217 19.59 5.55 -2.92
CA ARG B 217 19.51 5.10 -4.31
C ARG B 217 18.84 6.08 -5.27
N HIS B 218 19.21 5.99 -6.55
CA HIS B 218 18.60 6.84 -7.57
C HIS B 218 17.42 6.07 -8.18
N GLY B 219 16.60 6.78 -8.96
CA GLY B 219 15.46 6.14 -9.58
C GLY B 219 15.51 6.23 -11.09
N ASN B 220 16.68 5.97 -11.67
CA ASN B 220 16.83 6.04 -13.12
C ASN B 220 16.93 4.70 -13.82
N ARG B 221 16.50 4.68 -15.08
CA ARG B 221 16.61 3.49 -15.92
C ARG B 221 17.35 3.95 -17.17
N PRO B 222 18.16 3.07 -17.77
CA PRO B 222 18.84 3.51 -19.00
C PRO B 222 17.79 3.51 -20.11
N ALA B 223 18.16 4.10 -21.25
CA ALA B 223 17.26 4.13 -22.41
C ALA B 223 17.04 2.68 -22.84
N HIS B 224 15.79 2.30 -23.03
CA HIS B 224 15.46 0.93 -23.39
C HIS B 224 14.17 0.86 -24.22
N ILE B 225 13.95 -0.30 -24.84
CA ILE B 225 12.78 -0.55 -25.67
C ILE B 225 12.13 -1.86 -25.22
N HIS B 226 10.82 -1.83 -24.97
CA HIS B 226 10.08 -3.00 -24.51
C HIS B 226 9.56 -3.84 -25.66
N TYR B 227 9.49 -5.16 -25.43
CA TYR B 227 8.93 -6.11 -26.39
C TYR B 227 8.01 -7.16 -25.74
N PHE B 228 6.95 -7.50 -26.48
CA PHE B 228 6.07 -8.65 -26.17
C PHE B 228 6.13 -9.34 -27.55
N VAL B 229 6.37 -10.64 -27.60
CA VAL B 229 6.30 -11.31 -28.88
C VAL B 229 5.49 -12.57 -28.59
N SER B 230 4.44 -12.76 -29.37
CA SER B 230 3.59 -13.95 -29.19
C SER B 230 3.32 -14.60 -30.56
N ALA B 231 3.14 -15.92 -30.56
CA ALA B 231 2.90 -16.63 -31.81
C ALA B 231 2.24 -17.95 -31.48
N ASP B 232 1.44 -18.48 -32.41
CA ASP B 232 0.79 -19.78 -32.17
C ASP B 232 1.83 -20.82 -31.87
N GLY B 233 1.51 -21.71 -30.96
CA GLY B 233 2.42 -22.78 -30.62
C GLY B 233 3.59 -22.36 -29.76
N HIS B 234 3.68 -21.08 -29.42
CA HIS B 234 4.78 -20.58 -28.61
C HIS B 234 4.37 -19.80 -27.38
N ARG B 235 5.28 -19.77 -26.41
CA ARG B 235 5.03 -19.04 -25.18
C ARG B 235 5.23 -17.54 -25.49
N LYS B 236 4.54 -16.69 -24.75
CA LYS B 236 4.65 -15.25 -24.94
C LYS B 236 5.94 -14.76 -24.31
N LEU B 237 6.77 -14.10 -25.13
CA LEU B 237 8.07 -13.59 -24.70
C LEU B 237 7.96 -12.14 -24.21
N THR B 238 8.44 -11.86 -22.99
CA THR B 238 8.46 -10.50 -22.47
C THR B 238 9.92 -10.12 -22.29
N THR B 239 10.38 -9.08 -22.95
CA THR B 239 11.78 -8.73 -22.80
C THR B 239 11.98 -7.26 -23.12
N GLN B 240 13.22 -6.83 -23.22
CA GLN B 240 13.49 -5.45 -23.57
C GLN B 240 14.92 -5.37 -24.03
N ILE B 241 15.27 -4.32 -24.76
CA ILE B 241 16.66 -4.15 -25.12
C ILE B 241 17.10 -2.81 -24.57
N ASN B 242 18.41 -2.76 -24.28
CA ASN B 242 19.07 -1.59 -23.74
C ASN B 242 19.95 -0.98 -24.81
N VAL B 243 19.96 0.35 -24.87
CA VAL B 243 20.80 1.03 -25.85
C VAL B 243 22.20 1.06 -25.25
N ALA B 244 23.12 0.35 -25.89
CA ALA B 244 24.50 0.28 -25.43
C ALA B 244 25.08 1.67 -25.22
N GLY B 245 25.93 1.82 -24.21
CA GLY B 245 26.54 3.10 -23.93
C GLY B 245 25.86 3.97 -22.90
N ASP B 246 24.60 3.67 -22.59
CA ASP B 246 23.89 4.45 -21.62
C ASP B 246 24.59 4.36 -20.25
N PRO B 247 24.73 5.48 -19.52
CA PRO B 247 25.37 5.50 -18.21
C PRO B 247 24.75 4.54 -17.23
N TYR B 248 23.44 4.31 -17.35
CA TYR B 248 22.78 3.43 -16.42
C TYR B 248 22.50 2.02 -16.88
N THR B 249 23.18 1.59 -17.95
CA THR B 249 23.00 0.23 -18.46
C THR B 249 23.25 -0.80 -17.36
N TYR B 250 24.28 -0.62 -16.56
CA TYR B 250 24.54 -1.57 -15.50
C TYR B 250 24.29 -0.97 -14.14
N ASP B 251 23.36 -0.02 -14.09
CA ASP B 251 23.00 0.62 -12.87
C ASP B 251 21.54 1.09 -12.98
N ASP B 252 20.68 0.17 -13.40
CA ASP B 252 19.24 0.39 -13.60
C ASP B 252 18.54 0.20 -12.25
N PHE B 253 17.70 1.15 -11.84
CA PHE B 253 17.03 1.03 -10.52
C PHE B 253 16.05 -0.12 -10.49
N ALA B 254 15.66 -0.61 -11.67
CA ALA B 254 14.72 -1.72 -11.77
C ALA B 254 15.43 -3.06 -12.04
N TYR B 255 16.76 -3.05 -12.06
CA TYR B 255 17.54 -4.29 -12.24
C TYR B 255 17.06 -5.19 -13.37
N ALA B 256 16.81 -4.59 -14.54
CA ALA B 256 16.28 -5.32 -15.69
C ALA B 256 17.30 -5.74 -16.73
N THR B 257 18.50 -5.18 -16.63
CA THR B 257 19.57 -5.48 -17.59
C THR B 257 20.00 -6.93 -17.56
N ARG B 258 20.25 -7.50 -18.73
CA ARG B 258 20.71 -8.89 -18.82
C ARG B 258 21.63 -9.01 -20.02
N GLU B 259 22.59 -9.94 -19.94
CA GLU B 259 23.47 -10.15 -21.06
C GLU B 259 22.63 -10.67 -22.20
N GLY B 260 22.90 -10.13 -23.38
CA GLY B 260 22.16 -10.52 -24.56
C GLY B 260 21.14 -9.48 -24.93
N LEU B 261 20.83 -8.58 -24.00
CA LEU B 261 19.82 -7.56 -24.29
C LEU B 261 20.37 -6.17 -24.49
N VAL B 262 21.69 -6.01 -24.45
CA VAL B 262 22.27 -4.69 -24.65
C VAL B 262 22.58 -4.61 -26.12
N VAL B 263 22.01 -3.63 -26.80
CA VAL B 263 22.15 -3.47 -28.24
C VAL B 263 22.77 -2.15 -28.67
N ASP B 264 23.66 -2.23 -29.66
CA ASP B 264 24.34 -1.05 -30.20
C ASP B 264 23.52 -0.31 -31.24
N ALA B 265 23.46 1.00 -31.08
CA ALA B 265 22.76 1.86 -32.03
C ALA B 265 23.83 2.39 -32.99
N VAL B 266 23.86 1.83 -34.18
CA VAL B 266 24.82 2.25 -35.21
C VAL B 266 24.36 3.54 -35.88
N GLU B 267 25.21 4.55 -35.87
CA GLU B 267 24.84 5.81 -36.52
C GLU B 267 25.20 5.77 -37.99
N HIS B 268 24.26 6.19 -38.83
CA HIS B 268 24.46 6.23 -40.28
C HIS B 268 24.44 7.67 -40.78
N THR B 269 25.48 8.01 -41.54
CA THR B 269 25.65 9.36 -42.03
C THR B 269 25.78 9.54 -43.55
N ASP B 270 26.21 8.49 -44.25
CA ASP B 270 26.36 8.62 -45.70
C ASP B 270 25.01 8.61 -46.39
N PRO B 271 24.89 9.42 -47.44
CA PRO B 271 23.67 9.57 -48.26
C PRO B 271 23.18 8.25 -48.86
N GLU B 272 24.09 7.31 -49.06
CA GLU B 272 23.71 6.02 -49.61
C GLU B 272 22.75 5.30 -48.64
N ALA B 273 23.17 5.19 -47.39
CA ALA B 273 22.37 4.53 -46.36
C ALA B 273 21.06 5.29 -46.14
N ILE B 274 21.16 6.61 -46.02
CA ILE B 274 19.97 7.40 -45.81
C ILE B 274 18.92 7.09 -46.89
N LYS B 275 19.30 7.08 -48.16
CA LYS B 275 18.33 6.78 -49.23
C LYS B 275 17.79 5.36 -49.19
N ALA B 276 18.67 4.41 -48.91
CA ALA B 276 18.29 3.00 -48.84
C ALA B 276 17.22 2.71 -47.77
N ASN B 277 17.17 3.53 -46.72
CA ASN B 277 16.18 3.39 -45.66
C ASN B 277 15.28 4.60 -45.75
N ASP B 278 15.25 5.22 -46.93
CA ASP B 278 14.53 6.46 -47.16
C ASP B 278 14.05 7.22 -45.93
N VAL B 279 15.01 7.95 -45.36
CA VAL B 279 14.80 8.81 -44.21
C VAL B 279 15.32 10.16 -44.69
N GLU B 280 15.12 11.20 -43.88
CA GLU B 280 15.51 12.55 -44.24
C GLU B 280 16.95 12.95 -43.93
N GLY B 281 17.65 12.13 -43.16
CA GLY B 281 19.01 12.47 -42.79
C GLY B 281 19.69 11.43 -41.95
N PRO B 282 20.73 11.80 -41.19
CA PRO B 282 21.46 10.85 -40.34
C PRO B 282 20.51 10.21 -39.33
N PHE B 283 20.62 8.91 -39.20
CA PHE B 283 19.74 8.18 -38.32
C PHE B 283 20.53 7.10 -37.62
N ALA B 284 19.87 6.48 -36.65
CA ALA B 284 20.50 5.41 -35.95
C ALA B 284 19.84 4.11 -36.42
N GLU B 285 20.57 3.01 -36.32
CA GLU B 285 20.00 1.73 -36.69
C GLU B 285 20.33 0.72 -35.59
N MET B 286 19.33 -0.09 -35.24
CA MET B 286 19.49 -1.14 -34.25
C MET B 286 18.87 -2.41 -34.82
N VAL B 287 19.56 -3.53 -34.65
CA VAL B 287 19.06 -4.81 -35.13
C VAL B 287 18.90 -5.70 -33.92
N PHE B 288 17.78 -6.41 -33.83
CA PHE B 288 17.56 -7.30 -32.71
C PHE B 288 16.61 -8.44 -33.10
N ASP B 289 17.16 -9.65 -33.09
CA ASP B 289 16.36 -10.82 -33.42
C ASP B 289 15.94 -11.43 -32.11
N LEU B 290 14.80 -12.12 -32.10
CA LEU B 290 14.31 -12.75 -30.88
C LEU B 290 13.89 -14.18 -31.21
N LYS B 291 14.17 -15.11 -30.31
CA LYS B 291 13.80 -16.49 -30.53
C LYS B 291 12.79 -16.96 -29.49
N LEU B 292 11.69 -17.54 -29.96
CA LEU B 292 10.63 -18.00 -29.06
C LEU B 292 10.79 -19.43 -28.64
N THR B 293 10.11 -19.77 -27.55
CA THR B 293 10.11 -21.13 -27.02
C THR B 293 8.71 -21.72 -27.23
N ARG B 294 8.67 -23.03 -27.45
CA ARG B 294 7.40 -23.70 -27.69
C ARG B 294 6.60 -23.87 -26.41
N LEU B 295 5.29 -24.05 -26.55
CA LEU B 295 4.39 -24.26 -25.41
C LEU B 295 4.77 -25.59 -24.74
N VAL B 296 4.48 -25.71 -23.45
CA VAL B 296 4.78 -26.93 -22.72
C VAL B 296 3.47 -27.72 -22.64
N ASP B 297 3.40 -28.79 -23.43
CA ASP B 297 2.20 -29.61 -23.52
C ASP B 297 0.95 -28.78 -23.80
N GLY B 298 1.11 -27.84 -24.74
CA GLY B 298 0.02 -26.98 -25.15
C GLY B 298 -0.29 -25.88 -24.16
N VAL B 299 0.57 -25.67 -23.17
CA VAL B 299 0.34 -24.65 -22.17
C VAL B 299 1.46 -23.62 -22.07
N ASP B 300 1.12 -22.34 -21.93
CA ASP B 300 2.17 -21.32 -21.74
C ASP B 300 2.25 -21.25 -20.21
N ASN B 301 3.25 -21.90 -19.64
CA ASN B 301 3.42 -21.94 -18.19
C ASN B 301 3.97 -20.64 -17.57
N GLN B 302 4.23 -19.62 -18.38
CA GLN B 302 4.84 -18.43 -17.80
C GLN B 302 4.19 -17.10 -18.16
N VAL B 303 3.07 -17.13 -18.89
CA VAL B 303 2.41 -15.87 -19.21
C VAL B 303 1.91 -15.30 -17.92
N VAL B 304 1.94 -13.97 -17.84
CA VAL B 304 1.48 -13.31 -16.67
C VAL B 304 0.22 -12.49 -16.92
N ASP B 305 -0.79 -12.74 -16.10
CA ASP B 305 -2.03 -12.00 -16.19
C ASP B 305 -1.98 -10.96 -15.06
N ARG B 306 -1.74 -9.71 -15.42
CA ARG B 306 -1.72 -8.65 -14.43
C ARG B 306 -2.51 -7.46 -14.98
N PRO B 307 -3.01 -6.56 -14.10
CA PRO B 307 -3.75 -5.39 -14.54
C PRO B 307 -2.89 -4.56 -15.51
N ARG B 308 -3.43 -4.25 -16.68
CA ARG B 308 -2.74 -3.46 -17.70
C ARG B 308 -3.77 -2.50 -18.29
N LEU B 309 -3.38 -1.24 -18.48
CA LEU B 309 -4.27 -0.22 -19.03
C LEU B 309 -4.65 -0.62 -20.46
N ALA B 310 -5.94 -0.52 -20.79
CA ALA B 310 -6.40 -0.85 -22.14
C ALA B 310 -7.22 0.35 -22.62
N VAL B 311 -6.88 0.87 -23.79
CA VAL B 311 -7.57 2.02 -24.35
C VAL B 311 -8.08 1.66 -25.74
#